data_6MBC
#
_entry.id   6MBC
#
_cell.length_a   43.466
_cell.length_b   42.905
_cell.length_c   46.666
_cell.angle_alpha   90.000
_cell.angle_beta   114.210
_cell.angle_gamma   90.000
#
_symmetry.space_group_name_H-M   'P 1 21 1'
#
loop_
_entity.id
_entity.type
_entity.pdbx_description
1 polymer 'Bcl-2-related protein A1'
2 polymer dF4
3 water water
#
loop_
_entity_poly.entity_id
_entity_poly.type
_entity_poly.pdbx_seq_one_letter_code
_entity_poly.pdbx_strand_id
1 'polypeptide(L)'
;GMTDCEFGYIYRLAQDYLQCVLQIPQPGSGPSKTSRVLQNVAFSVQKEVEKNLKSCLDNVNVVSVDTARTLFNQVMEKEF
EDGIINWGRIVTIFAFEGILIKKLLRQQIAPDVDTYKEISYFVAEFIMNNTGEWIRQNGGWENGFVKKFEPK
;
A
2 'polypeptide(L)' (ACE)SLLEKLAEYLRQMADEINKKYVK(NH2) B
#
# COMPACT_ATOMS: atom_id res chain seq x y z
N GLY A 1 -15.07 -9.32 -8.22
CA GLY A 1 -15.41 -9.37 -9.68
C GLY A 1 -14.27 -8.87 -10.54
N MET A 2 -14.46 -8.91 -11.86
CA MET A 2 -13.42 -8.47 -12.78
C MET A 2 -13.26 -6.96 -12.84
N THR A 3 -14.31 -6.22 -12.49
CA THR A 3 -14.24 -4.76 -12.45
C THR A 3 -13.55 -4.25 -11.20
N ASP A 4 -13.11 -5.12 -10.28
CA ASP A 4 -12.40 -4.65 -9.11
C ASP A 4 -10.96 -4.29 -9.41
N CYS A 5 -10.51 -4.43 -10.66
CA CYS A 5 -9.21 -3.90 -11.07
C CYS A 5 -9.30 -2.47 -11.59
N GLU A 6 -10.50 -1.88 -11.61
CA GLU A 6 -10.65 -0.51 -12.07
C GLU A 6 -10.31 0.47 -10.96
N PHE A 7 -10.05 1.72 -11.36
CA PHE A 7 -9.48 2.71 -10.45
C PHE A 7 -10.34 2.88 -9.21
N GLY A 8 -11.67 2.98 -9.39
CA GLY A 8 -12.54 3.33 -8.27
C GLY A 8 -12.41 2.34 -7.13
N TYR A 9 -12.42 1.05 -7.44
CA TYR A 9 -12.29 0.02 -6.41
C TYR A 9 -10.93 0.09 -5.73
N ILE A 10 -9.86 0.28 -6.52
CA ILE A 10 -8.53 0.35 -5.95
C ILE A 10 -8.37 1.59 -5.08
N TYR A 11 -8.93 2.70 -5.55
CA TYR A 11 -8.90 3.93 -4.76
C TYR A 11 -9.56 3.72 -3.41
N ARG A 12 -10.70 3.02 -3.39
CA ARG A 12 -11.38 2.77 -2.12
C ARG A 12 -10.55 1.89 -1.20
N LEU A 13 -9.84 0.91 -1.77
CA LEU A 13 -8.94 0.09 -0.97
C LEU A 13 -7.84 0.93 -0.35
N ALA A 14 -7.21 1.79 -1.15
CA ALA A 14 -6.10 2.60 -0.66
C ALA A 14 -6.57 3.60 0.39
N GLN A 15 -7.77 4.17 0.19
CA GLN A 15 -8.31 5.11 1.17
C GLN A 15 -8.73 4.40 2.44
N ASP A 16 -9.36 3.22 2.31
CA ASP A 16 -9.70 2.41 3.47
C ASP A 16 -8.47 2.16 4.33
N TYR A 17 -7.35 1.78 3.70
CA TYR A 17 -6.19 1.43 4.50
C TYR A 17 -5.62 2.65 5.22
N LEU A 18 -5.59 3.81 4.56
CA LEU A 18 -5.12 5.00 5.24
C LEU A 18 -6.03 5.38 6.39
N GLN A 19 -7.35 5.20 6.23
CA GLN A 19 -8.24 5.50 7.34
C GLN A 19 -8.05 4.51 8.48
N CYS A 20 -7.69 3.26 8.14
CA CYS A 20 -7.35 2.28 9.16
C CYS A 20 -6.12 2.73 9.95
N VAL A 21 -5.05 3.09 9.24
CA VAL A 21 -3.82 3.53 9.90
C VAL A 21 -4.08 4.79 10.74
N LEU A 22 -4.83 5.74 10.20
CA LEU A 22 -5.09 6.98 10.92
C LEU A 22 -6.18 6.83 11.99
N GLN A 23 -6.79 5.65 12.11
CA GLN A 23 -7.86 5.40 13.07
C GLN A 23 -9.06 6.34 12.86
N ILE A 24 -9.43 6.54 11.60
CA ILE A 24 -10.64 7.29 11.26
C ILE A 24 -11.46 6.52 10.22
N PRO A 25 -11.87 5.28 10.52
CA PRO A 25 -12.76 4.58 9.59
C PRO A 25 -14.11 5.27 9.51
N GLN A 26 -14.64 5.37 8.30
CA GLN A 26 -15.90 6.08 8.09
C GLN A 26 -17.07 5.20 8.50
N PRO A 27 -18.04 5.72 9.26
CA PRO A 27 -19.14 4.88 9.76
C PRO A 27 -20.25 4.65 8.74
N GLY A 28 -19.91 3.93 7.68
CA GLY A 28 -20.87 3.50 6.68
C GLY A 28 -21.33 2.08 6.94
N SER A 29 -21.62 1.36 5.85
CA SER A 29 -21.93 -0.05 5.97
C SER A 29 -20.73 -0.86 6.46
N GLY A 30 -19.53 -0.27 6.41
CA GLY A 30 -18.32 -0.94 6.84
C GLY A 30 -17.42 -1.25 5.66
N PRO A 31 -16.13 -1.44 5.92
CA PRO A 31 -15.21 -1.79 4.84
C PRO A 31 -15.57 -3.15 4.25
N SER A 32 -15.26 -3.31 2.96
CA SER A 32 -15.55 -4.53 2.25
C SER A 32 -14.77 -5.70 2.85
N LYS A 33 -15.20 -6.92 2.52
CA LYS A 33 -14.45 -8.10 2.90
C LYS A 33 -13.01 -8.02 2.41
N THR A 34 -12.81 -7.56 1.17
CA THR A 34 -11.46 -7.41 0.64
C THR A 34 -10.64 -6.48 1.53
N SER A 35 -11.19 -5.32 1.85
N SER A 35 -11.17 -5.30 1.83
CA SER A 35 -10.47 -4.35 2.65
CA SER A 35 -10.42 -4.35 2.67
C SER A 35 -10.17 -4.89 4.05
C SER A 35 -10.14 -4.94 4.05
N ARG A 36 -11.14 -5.60 4.64
CA ARG A 36 -10.93 -6.17 5.97
C ARG A 36 -9.77 -7.16 5.97
N VAL A 37 -9.67 -7.99 4.94
CA VAL A 37 -8.53 -8.90 4.84
C VAL A 37 -7.24 -8.12 4.58
N LEU A 38 -7.28 -7.16 3.65
CA LEU A 38 -6.07 -6.43 3.28
C LEU A 38 -5.51 -5.65 4.47
N GLN A 39 -6.37 -5.05 5.29
CA GLN A 39 -5.88 -4.20 6.38
C GLN A 39 -5.03 -4.99 7.36
N ASN A 40 -5.42 -6.23 7.67
CA ASN A 40 -4.64 -7.02 8.62
C ASN A 40 -3.29 -7.42 8.06
N VAL A 41 -3.23 -7.83 6.78
N VAL A 41 -3.26 -7.84 6.79
CA VAL A 41 -1.96 -8.30 6.26
CA VAL A 41 -2.00 -8.30 6.19
C VAL A 41 -1.04 -7.14 5.91
C VAL A 41 -1.06 -7.13 5.96
N ALA A 42 -1.60 -6.02 5.43
CA ALA A 42 -0.74 -4.87 5.12
C ALA A 42 -0.20 -4.23 6.40
N PHE A 43 -1.00 -4.19 7.45
CA PHE A 43 -0.51 -3.61 8.70
C PHE A 43 0.61 -4.47 9.28
N SER A 44 0.47 -5.79 9.23
CA SER A 44 1.54 -6.65 9.72
C SER A 44 2.84 -6.37 8.98
N VAL A 45 2.76 -6.13 7.68
CA VAL A 45 3.96 -5.79 6.90
C VAL A 45 4.47 -4.42 7.31
N GLN A 46 3.56 -3.45 7.43
CA GLN A 46 3.97 -2.08 7.76
C GLN A 46 4.77 -2.02 9.05
N LYS A 47 4.27 -2.67 10.11
CA LYS A 47 4.95 -2.59 11.39
C LYS A 47 6.32 -3.26 11.35
N GLU A 48 6.50 -4.25 10.49
CA GLU A 48 7.82 -4.89 10.39
C GLU A 48 8.80 -3.99 9.66
N VAL A 49 8.32 -3.24 8.65
CA VAL A 49 9.19 -2.32 7.93
C VAL A 49 9.59 -1.15 8.84
N GLU A 50 8.61 -0.55 9.51
CA GLU A 50 8.91 0.57 10.40
C GLU A 50 9.91 0.19 11.48
N LYS A 51 9.86 -1.06 11.95
CA LYS A 51 10.81 -1.50 12.96
C LYS A 51 12.20 -1.64 12.38
N ASN A 52 12.36 -2.50 11.37
CA ASN A 52 13.68 -2.84 10.88
C ASN A 52 14.35 -1.68 10.15
N LEU A 53 13.56 -0.76 9.59
CA LEU A 53 14.10 0.39 8.87
C LEU A 53 13.84 1.70 9.62
N LYS A 54 13.81 1.65 10.95
CA LYS A 54 13.51 2.85 11.73
C LYS A 54 14.53 3.95 11.47
N SER A 55 15.80 3.68 11.79
CA SER A 55 16.84 4.66 11.52
C SER A 55 16.82 5.11 10.07
N CYS A 56 16.51 4.18 9.17
CA CYS A 56 16.45 4.52 7.75
C CYS A 56 15.32 5.52 7.46
N LEU A 57 14.14 5.30 8.06
CA LEU A 57 12.99 6.14 7.80
C LEU A 57 13.10 7.51 8.45
N ASP A 58 14.04 7.71 9.36
CA ASP A 58 14.24 9.00 10.00
C ASP A 58 15.14 9.92 9.20
N ASN A 59 15.69 9.46 8.07
CA ASN A 59 16.56 10.27 7.24
C ASN A 59 15.81 11.02 6.14
N VAL A 60 14.54 10.71 5.91
CA VAL A 60 13.72 11.42 4.94
C VAL A 60 12.60 12.13 5.70
N ASN A 61 12.28 13.33 5.25
CA ASN A 61 11.27 14.17 5.88
C ASN A 61 10.12 14.35 4.90
N VAL A 62 9.01 13.69 5.15
CA VAL A 62 7.84 13.79 4.30
C VAL A 62 7.07 15.03 4.69
N VAL A 63 7.52 16.19 4.20
CA VAL A 63 6.98 17.47 4.61
C VAL A 63 5.79 17.92 3.78
N SER A 64 5.46 17.21 2.70
CA SER A 64 4.40 17.66 1.82
C SER A 64 3.87 16.48 1.03
N VAL A 65 2.68 16.67 0.46
CA VAL A 65 2.13 15.62 -0.39
C VAL A 65 3.01 15.41 -1.62
N ASP A 66 3.70 16.46 -2.07
CA ASP A 66 4.58 16.33 -3.22
C ASP A 66 5.81 15.48 -2.91
N THR A 67 6.34 15.64 -1.69
CA THR A 67 7.46 14.78 -1.27
C THR A 67 7.00 13.34 -1.08
N ALA A 68 5.78 13.16 -0.56
CA ALA A 68 5.26 11.80 -0.43
C ALA A 68 5.04 11.15 -1.79
N ARG A 69 4.54 11.91 -2.75
CA ARG A 69 4.27 11.35 -4.08
C ARG A 69 5.56 10.97 -4.79
N THR A 70 6.54 11.88 -4.81
CA THR A 70 7.80 11.55 -5.48
C THR A 70 8.51 10.41 -4.77
N LEU A 71 8.51 10.42 -3.43
CA LEU A 71 9.12 9.32 -2.69
C LEU A 71 8.40 8.01 -2.96
N PHE A 72 7.07 8.03 -2.95
CA PHE A 72 6.32 6.82 -3.28
C PHE A 72 6.65 6.34 -4.68
N ASN A 73 6.55 7.23 -5.67
CA ASN A 73 6.83 6.84 -7.05
C ASN A 73 8.24 6.29 -7.19
N GLN A 74 9.22 6.96 -6.59
CA GLN A 74 10.60 6.52 -6.71
C GLN A 74 10.78 5.13 -6.10
N VAL A 75 10.36 4.96 -4.85
CA VAL A 75 10.55 3.69 -4.16
C VAL A 75 9.79 2.57 -4.88
N MET A 76 8.53 2.81 -5.21
CA MET A 76 7.73 1.78 -5.87
C MET A 76 8.34 1.42 -7.24
N GLU A 77 8.76 2.42 -8.00
CA GLU A 77 9.36 2.14 -9.30
C GLU A 77 10.53 1.17 -9.16
N LYS A 78 11.41 1.38 -8.18
N LYS A 78 11.40 1.37 -8.18
CA LYS A 78 12.55 0.50 -8.02
CA LYS A 78 12.55 0.48 -8.04
C LYS A 78 12.13 -0.87 -7.48
C LYS A 78 12.15 -0.87 -7.47
N GLU A 79 11.05 -0.93 -6.71
CA GLU A 79 10.60 -2.22 -6.20
C GLU A 79 10.11 -3.12 -7.32
N PHE A 80 9.42 -2.55 -8.31
CA PHE A 80 8.81 -3.31 -9.39
C PHE A 80 9.63 -3.28 -10.69
N GLU A 81 10.85 -2.75 -10.65
CA GLU A 81 11.59 -2.54 -11.89
C GLU A 81 12.00 -3.84 -12.56
N ASP A 82 11.98 -4.96 -11.84
CA ASP A 82 12.34 -6.24 -12.44
C ASP A 82 11.21 -6.88 -13.21
N GLY A 83 10.03 -6.25 -13.26
CA GLY A 83 8.92 -6.75 -14.03
C GLY A 83 8.07 -7.80 -13.33
N ILE A 84 8.43 -8.23 -12.13
CA ILE A 84 7.70 -9.26 -11.42
C ILE A 84 6.56 -8.61 -10.66
N ILE A 85 5.41 -9.29 -10.65
CA ILE A 85 4.24 -8.84 -9.91
C ILE A 85 3.66 -10.03 -9.16
N ASN A 86 3.35 -9.83 -7.88
CA ASN A 86 2.62 -10.85 -7.11
C ASN A 86 1.89 -10.16 -5.97
N TRP A 87 1.03 -10.92 -5.30
CA TRP A 87 0.17 -10.31 -4.28
C TRP A 87 0.99 -9.76 -3.13
N GLY A 88 2.09 -10.44 -2.79
CA GLY A 88 2.96 -9.92 -1.74
C GLY A 88 3.46 -8.53 -2.05
N ARG A 89 3.90 -8.31 -3.30
CA ARG A 89 4.39 -6.99 -3.70
C ARG A 89 3.27 -5.96 -3.67
N ILE A 90 2.08 -6.36 -4.12
CA ILE A 90 0.94 -5.43 -4.07
C ILE A 90 0.63 -5.06 -2.62
N VAL A 91 0.73 -6.03 -1.71
CA VAL A 91 0.48 -5.73 -0.30
C VAL A 91 1.46 -4.67 0.20
N THR A 92 2.73 -4.76 -0.20
CA THR A 92 3.71 -3.79 0.29
C THR A 92 3.44 -2.39 -0.24
N ILE A 93 2.69 -2.25 -1.32
CA ILE A 93 2.28 -0.92 -1.77
C ILE A 93 1.41 -0.26 -0.70
N PHE A 94 0.43 -1.00 -0.19
CA PHE A 94 -0.43 -0.46 0.86
C PHE A 94 0.37 -0.19 2.13
N ALA A 95 1.24 -1.13 2.52
CA ALA A 95 2.06 -0.93 3.70
C ALA A 95 2.86 0.36 3.58
N PHE A 96 3.42 0.64 2.41
CA PHE A 96 4.26 1.82 2.27
C PHE A 96 3.43 3.09 2.30
N GLU A 97 2.21 3.09 1.72
CA GLU A 97 1.41 4.30 1.85
C GLU A 97 1.05 4.55 3.31
N GLY A 98 0.90 3.49 4.10
CA GLY A 98 0.65 3.67 5.53
C GLY A 98 1.84 4.28 6.25
N ILE A 99 3.05 3.87 5.86
CA ILE A 99 4.25 4.49 6.41
C ILE A 99 4.28 5.98 6.05
N LEU A 100 3.93 6.31 4.81
CA LEU A 100 4.00 7.70 4.37
C LEU A 100 2.98 8.57 5.09
N ILE A 101 1.75 8.09 5.31
CA ILE A 101 0.76 8.96 5.92
C ILE A 101 1.11 9.20 7.38
N LYS A 102 1.70 8.21 8.06
CA LYS A 102 2.14 8.41 9.43
C LYS A 102 3.21 9.49 9.51
N LYS A 103 4.17 9.46 8.59
CA LYS A 103 5.20 10.50 8.58
C LYS A 103 4.60 11.85 8.22
N LEU A 104 3.67 11.88 7.26
CA LEU A 104 3.00 13.13 6.92
C LEU A 104 2.32 13.73 8.15
N LEU A 105 1.60 12.89 8.91
CA LEU A 105 0.90 13.42 10.08
C LEU A 105 1.85 14.17 10.99
N ARG A 106 3.08 13.67 11.16
N ARG A 106 3.08 13.68 11.13
CA ARG A 106 4.04 14.29 12.04
CA ARG A 106 4.04 14.29 12.04
C ARG A 106 4.75 15.47 11.39
C ARG A 106 4.77 15.46 11.40
N GLN A 107 5.13 15.33 10.12
CA GLN A 107 6.07 16.25 9.49
C GLN A 107 5.45 17.19 8.45
N GLN A 108 4.20 16.99 8.05
CA GLN A 108 3.63 17.84 7.01
C GLN A 108 3.63 19.29 7.47
N ILE A 109 4.21 20.16 6.66
CA ILE A 109 4.41 21.56 7.06
C ILE A 109 3.06 22.24 7.24
N ALA A 110 2.14 22.04 6.31
CA ALA A 110 0.78 22.59 6.37
C ALA A 110 -0.20 21.42 6.32
N PRO A 111 -0.57 20.86 7.48
CA PRO A 111 -1.42 19.67 7.46
C PRO A 111 -2.83 19.98 6.97
N ASP A 112 -3.38 19.06 6.19
CA ASP A 112 -4.70 19.21 5.60
C ASP A 112 -5.47 17.91 5.78
N VAL A 113 -6.67 18.00 6.33
CA VAL A 113 -7.44 16.79 6.66
C VAL A 113 -7.80 15.99 5.42
N ASP A 114 -7.71 16.57 4.23
CA ASP A 114 -7.98 15.82 3.01
C ASP A 114 -6.73 15.21 2.41
N THR A 115 -5.56 15.38 3.04
CA THR A 115 -4.31 14.94 2.45
C THR A 115 -4.33 13.45 2.13
N TYR A 116 -4.88 12.62 3.02
CA TYR A 116 -4.85 11.18 2.77
C TYR A 116 -5.68 10.78 1.55
N LYS A 117 -6.59 11.65 1.10
CA LYS A 117 -7.30 11.38 -0.14
C LYS A 117 -6.41 11.59 -1.35
N GLU A 118 -5.46 12.52 -1.26
N GLU A 118 -5.46 12.53 -1.28
CA GLU A 118 -4.51 12.71 -2.35
CA GLU A 118 -4.53 12.69 -2.40
C GLU A 118 -3.51 11.57 -2.42
C GLU A 118 -3.53 11.54 -2.42
N ILE A 119 -3.07 11.08 -1.26
CA ILE A 119 -2.17 9.94 -1.21
C ILE A 119 -2.83 8.72 -1.82
N SER A 120 -4.07 8.43 -1.39
CA SER A 120 -4.80 7.29 -1.92
C SER A 120 -4.90 7.37 -3.43
N TYR A 121 -4.99 8.57 -3.98
CA TYR A 121 -5.19 8.73 -5.41
C TYR A 121 -3.95 8.28 -6.18
N PHE A 122 -2.77 8.75 -5.78
CA PHE A 122 -1.59 8.38 -6.56
C PHE A 122 -1.13 6.97 -6.22
N VAL A 123 -1.53 6.43 -5.07
CA VAL A 123 -1.33 5.02 -4.80
C VAL A 123 -2.16 4.19 -5.78
N ALA A 124 -3.44 4.51 -5.92
CA ALA A 124 -4.29 3.77 -6.86
C ALA A 124 -3.80 3.95 -8.30
N GLU A 125 -3.35 5.16 -8.65
CA GLU A 125 -2.80 5.38 -9.99
C GLU A 125 -1.67 4.40 -10.27
N PHE A 126 -0.75 4.23 -9.32
CA PHE A 126 0.37 3.32 -9.53
C PHE A 126 -0.10 1.88 -9.64
N ILE A 127 -0.97 1.45 -8.72
CA ILE A 127 -1.45 0.07 -8.73
C ILE A 127 -2.11 -0.25 -10.06
N MET A 128 -3.02 0.63 -10.51
CA MET A 128 -3.75 0.37 -11.74
C MET A 128 -2.81 0.33 -12.94
N ASN A 129 -1.90 1.30 -13.04
CA ASN A 129 -1.04 1.40 -14.21
C ASN A 129 0.02 0.31 -14.24
N ASN A 130 0.52 -0.12 -13.10
CA ASN A 130 1.64 -1.04 -13.07
C ASN A 130 1.25 -2.48 -12.76
N THR A 131 0.07 -2.72 -12.16
CA THR A 131 -0.32 -4.08 -11.81
C THR A 131 -1.76 -4.41 -12.18
N GLY A 132 -2.51 -3.46 -12.75
CA GLY A 132 -3.92 -3.70 -12.99
C GLY A 132 -4.18 -4.90 -13.88
N GLU A 133 -3.43 -5.01 -14.97
CA GLU A 133 -3.61 -6.14 -15.87
C GLU A 133 -3.31 -7.46 -15.18
N TRP A 134 -2.20 -7.51 -14.42
CA TRP A 134 -1.86 -8.72 -13.69
C TRP A 134 -2.94 -9.07 -12.67
N ILE A 135 -3.49 -8.07 -11.99
CA ILE A 135 -4.55 -8.31 -11.00
C ILE A 135 -5.74 -8.99 -11.67
N ARG A 136 -6.19 -8.46 -12.80
CA ARG A 136 -7.33 -9.06 -13.49
C ARG A 136 -7.02 -10.50 -13.87
N GLN A 137 -5.85 -10.73 -14.47
CA GLN A 137 -5.49 -12.07 -14.93
C GLN A 137 -5.39 -13.08 -13.81
N ASN A 138 -5.23 -12.64 -12.57
CA ASN A 138 -5.09 -13.57 -11.45
C ASN A 138 -6.30 -13.53 -10.51
N GLY A 139 -7.47 -13.18 -11.05
CA GLY A 139 -8.72 -13.30 -10.33
C GLY A 139 -9.19 -12.06 -9.61
N GLY A 140 -8.46 -10.95 -9.74
CA GLY A 140 -8.85 -9.73 -9.07
C GLY A 140 -8.76 -9.86 -7.55
N TRP A 141 -9.37 -8.88 -6.89
CA TRP A 141 -9.31 -8.86 -5.42
C TRP A 141 -10.19 -9.95 -4.82
N GLU A 142 -11.35 -10.20 -5.43
CA GLU A 142 -12.32 -11.12 -4.86
C GLU A 142 -11.90 -12.58 -5.07
N ASN A 143 -11.51 -12.92 -6.29
CA ASN A 143 -11.19 -14.31 -6.63
C ASN A 143 -9.71 -14.60 -6.61
N GLY A 144 -8.87 -13.59 -6.40
CA GLY A 144 -7.44 -13.81 -6.33
C GLY A 144 -6.90 -13.53 -4.94
N PHE A 145 -6.80 -12.25 -4.60
CA PHE A 145 -6.18 -11.86 -3.35
C PHE A 145 -6.91 -12.45 -2.15
N VAL A 146 -8.23 -12.24 -2.07
CA VAL A 146 -8.97 -12.67 -0.88
C VAL A 146 -8.84 -14.17 -0.68
N LYS A 147 -8.91 -14.94 -1.77
CA LYS A 147 -8.85 -16.39 -1.65
C LYS A 147 -7.52 -16.84 -1.07
N LYS A 148 -6.44 -16.14 -1.38
CA LYS A 148 -5.12 -16.53 -0.90
C LYS A 148 -4.81 -16.01 0.50
N PHE A 149 -5.34 -14.84 0.89
CA PHE A 149 -4.96 -14.21 2.15
C PHE A 149 -6.04 -14.24 3.23
N GLU A 150 -7.25 -14.68 2.91
CA GLU A 150 -8.30 -14.73 3.92
C GLU A 150 -8.02 -15.83 4.95
N PRO A 151 -8.63 -15.71 6.13
CA PRO A 151 -8.35 -16.69 7.19
C PRO A 151 -8.57 -18.11 6.74
N LYS A 152 -7.78 -19.02 7.30
CA LYS A 152 -7.81 -20.41 6.91
C LYS A 152 -9.15 -21.04 7.33
N SER B 2 20.70 6.36 -2.12
CA SER B 2 20.91 5.17 -1.29
C SER B 2 19.67 4.80 -0.51
N LEU B 3 19.07 5.81 0.15
CA LEU B 3 17.86 5.58 0.93
C LEU B 3 16.80 4.85 0.12
N LEU B 4 16.43 5.42 -1.04
CA LEU B 4 15.35 4.86 -1.83
C LEU B 4 15.65 3.45 -2.30
N GLU B 5 16.93 3.07 -2.40
CA GLU B 5 17.27 1.70 -2.76
C GLU B 5 17.11 0.76 -1.57
N LYS B 6 17.47 1.20 -0.37
CA LYS B 6 17.28 0.37 0.80
C LYS B 6 15.80 0.08 1.04
N LEU B 7 14.95 1.10 0.88
CA LEU B 7 13.52 0.89 1.05
C LEU B 7 12.98 -0.05 -0.02
N ALA B 8 13.34 0.19 -1.28
CA ALA B 8 12.88 -0.68 -2.37
C ALA B 8 13.31 -2.12 -2.15
N GLU B 9 14.56 -2.32 -1.71
CA GLU B 9 15.08 -3.67 -1.50
C GLU B 9 14.31 -4.40 -0.41
N TYR B 10 14.14 -3.77 0.75
CA TYR B 10 13.47 -4.43 1.86
C TYR B 10 12.01 -4.70 1.55
N LEU B 11 11.35 -3.78 0.84
CA LEU B 11 9.98 -4.03 0.44
C LEU B 11 9.88 -5.19 -0.54
N ARG B 12 10.79 -5.24 -1.51
CA ARG B 12 10.81 -6.37 -2.44
C ARG B 12 11.05 -7.68 -1.71
N GLN B 13 11.99 -7.68 -0.76
CA GLN B 13 12.26 -8.88 0.04
C GLN B 13 11.02 -9.34 0.78
N MET B 14 10.49 -8.47 1.65
CA MET B 14 9.31 -8.82 2.43
C MET B 14 8.13 -9.20 1.55
N ALA B 15 8.04 -8.61 0.37
CA ALA B 15 6.98 -8.93 -0.58
C ALA B 15 7.05 -10.40 -1.00
N ASP B 16 8.10 -10.76 -1.74
CA ASP B 16 8.27 -12.14 -2.17
C ASP B 16 8.30 -13.10 -0.97
N GLU B 17 8.57 -12.59 0.22
CA GLU B 17 8.52 -13.43 1.42
C GLU B 17 7.08 -13.78 1.78
N ILE B 18 6.24 -12.76 2.01
CA ILE B 18 4.86 -13.03 2.39
C ILE B 18 4.07 -13.59 1.21
N ASN B 19 4.58 -13.48 0.00
CA ASN B 19 3.84 -13.94 -1.17
C ASN B 19 3.56 -15.44 -1.12
N LYS B 20 4.32 -16.20 -0.33
CA LYS B 20 4.06 -17.63 -0.20
C LYS B 20 2.89 -17.88 0.75
N LYS B 21 1.76 -17.24 0.47
CA LYS B 21 0.50 -17.47 1.18
C LYS B 21 -0.37 -18.48 0.42
N TYR B 22 0.27 -19.50 -0.14
CA TYR B 22 -0.36 -20.37 -1.13
C TYR B 22 -1.62 -21.04 -0.59
N VAL B 23 -2.78 -20.50 -0.97
CA VAL B 23 -4.08 -21.09 -0.66
C VAL B 23 -5.01 -20.83 -1.84
N LYS B 24 -5.80 -21.85 -2.19
CA LYS B 24 -6.80 -21.73 -3.25
C LYS B 24 -6.23 -21.07 -4.50
#